data_7ODD
#
_entry.id   7ODD
#
_cell.length_a   66.057
_cell.length_b   49.073
_cell.length_c   87.271
_cell.angle_alpha   90.000
_cell.angle_beta   99.694
_cell.angle_gamma   90.000
#
_symmetry.space_group_name_H-M   'P 1 21 1'
#
loop_
_entity.id
_entity.type
_entity.pdbx_description
1 polymer 'Heat shock cognate 71 kDa protein'
2 non-polymer GLYCEROL
3 non-polymer N-[1,3-dihydroxy-2-(hydroxymethyl)propan-2-yl]glycine
4 non-polymer '4-(2-HYDROXYETHYL)-1-PIPERAZINE ETHANESULFONIC ACID'
5 non-polymer 'POTASSIUM ION'
6 water water
#
_entity_poly.entity_id   1
_entity_poly.type   'polypeptide(L)'
_entity_poly.pdbx_seq_one_letter_code
;MSKGPAVGIDLGTTYSCVGVFQHGKVEIIANDQGNRTTPSYVAFTDTERLIGDAAKNQVAMNPTNTVFDAKRLIGRRFDD
AVVQSDMKHWPFMVVNDAGRPKVQVEYKGETKSFYPEEVSSMVLTKMKEIAEAYLGKTVTNAVVTVPAYFNDSQRQATKD
AGTIAGLNVLRIINEPTAAAIAYGLDKKVGAERNVLIFDLGGGTFDVSILTIAAGIFEVKSTAGDTHLGGEDFDNRMVNH
FIAEFKRKHKKDISENKRAVRRLRTACERAKRTLSSSTQASIEIDSLYEGIDFYTSITRARFEELNADLFRGTLDPVEKA
LRDAKLDKSQIHDIVLVGGSTRIPKIQKLLQDFFNGKELNKSINPDEAVAYGAAVQAAILSGDKSENVQDLLLLDVTPLS
LGIETAGGVMTVLIKRNTTIPTKQTQTFTTYSDNQPGVLIQVYEGERAMTKDNNLLGKFELTGIPPAPRGVPQIEVTFDI
DANGILNVSAVDKSTGKENKITITNDKGRLSKEDIERMVQEAEKYKAEDEKQRDKVSSKNSLESYAFNMKATVE
;
_entity_poly.pdbx_strand_id   A
#
# COMPACT_ATOMS: atom_id res chain seq x y z
N GLY A 4 18.77 -3.93 -22.03
CA GLY A 4 19.30 -4.72 -20.90
C GLY A 4 18.19 -5.13 -19.93
N PRO A 5 18.51 -5.84 -18.82
CA PRO A 5 17.51 -6.26 -17.85
C PRO A 5 16.91 -5.08 -17.07
N ALA A 6 15.62 -5.17 -16.73
CA ALA A 6 14.94 -4.10 -15.97
C ALA A 6 15.24 -4.22 -14.48
N VAL A 7 15.12 -3.12 -13.74
CA VAL A 7 15.44 -3.14 -12.28
C VAL A 7 14.18 -2.78 -11.48
N GLY A 8 14.10 -3.26 -10.23
CA GLY A 8 12.98 -2.88 -9.36
C GLY A 8 13.47 -1.95 -8.27
N ILE A 9 12.82 -0.79 -8.13
CA ILE A 9 13.32 0.22 -7.15
C ILE A 9 12.27 0.49 -6.07
N ASP A 10 12.68 0.38 -4.81
CA ASP A 10 11.78 0.77 -3.70
C ASP A 10 12.24 2.18 -3.34
N LEU A 11 11.43 3.18 -3.64
CA LEU A 11 11.77 4.58 -3.28
C LEU A 11 11.09 4.87 -1.95
N GLY A 12 11.84 4.81 -0.86
CA GLY A 12 11.24 4.94 0.48
C GLY A 12 11.45 6.30 1.08
N THR A 13 10.64 6.65 2.07
CA THR A 13 10.74 7.99 2.71
C THR A 13 12.12 8.15 3.32
N THR A 14 12.63 7.13 4.01
CA THR A 14 13.93 7.22 4.71
C THR A 14 15.03 6.54 3.89
N TYR A 15 14.75 5.38 3.31
CA TYR A 15 15.79 4.61 2.58
C TYR A 15 15.25 4.07 1.26
N SER A 16 16.14 3.88 0.28
CA SER A 16 15.74 3.34 -1.03
C SER A 16 16.57 2.09 -1.34
N CYS A 17 15.99 1.13 -2.06
CA CYS A 17 16.67 -0.15 -2.36
C CYS A 17 16.47 -0.51 -3.83
N VAL A 18 17.50 -1.09 -4.47
CA VAL A 18 17.40 -1.49 -5.91
C VAL A 18 17.75 -2.96 -6.05
N GLY A 19 16.94 -3.71 -6.80
CA GLY A 19 17.19 -5.15 -7.02
C GLY A 19 17.07 -5.50 -8.49
N VAL A 20 17.73 -6.58 -8.90
CA VAL A 20 17.66 -7.05 -10.32
C VAL A 20 17.41 -8.56 -10.36
N PHE A 21 16.59 -9.03 -11.29
CA PHE A 21 16.42 -10.49 -11.45
C PHE A 21 17.35 -10.93 -12.58
N GLN A 22 18.41 -11.66 -12.25
CA GLN A 22 19.39 -12.11 -13.28
C GLN A 22 19.71 -13.59 -13.07
N HIS A 23 19.72 -14.38 -14.15
CA HIS A 23 20.09 -15.81 -14.09
C HIS A 23 19.19 -16.58 -13.12
N GLY A 24 17.89 -16.27 -13.09
CA GLY A 24 16.95 -17.03 -12.25
C GLY A 24 16.94 -16.59 -10.79
N LYS A 25 17.65 -15.51 -10.45
CA LYS A 25 17.76 -15.12 -9.01
C LYS A 25 17.61 -13.60 -8.87
N VAL A 26 17.00 -13.14 -7.77
CA VAL A 26 16.90 -11.68 -7.51
C VAL A 26 18.10 -11.29 -6.64
N GLU A 27 18.82 -10.24 -7.05
CA GLU A 27 19.97 -9.77 -6.25
C GLU A 27 19.72 -8.33 -5.81
N ILE A 28 19.81 -8.07 -4.50
CA ILE A 28 19.69 -6.67 -4.03
C ILE A 28 21.09 -6.07 -4.24
N ILE A 29 21.17 -4.96 -4.96
CA ILE A 29 22.50 -4.40 -5.35
C ILE A 29 23.07 -3.47 -4.26
N ALA A 30 24.29 -3.76 -3.80
CA ALA A 30 24.94 -2.92 -2.77
C ALA A 30 25.48 -1.63 -3.39
N ASN A 31 25.59 -0.57 -2.61
CA ASN A 31 26.07 0.75 -3.11
C ASN A 31 27.60 0.83 -3.03
N ASP A 32 28.15 2.03 -3.22
CA ASP A 32 29.62 2.21 -3.21
C ASP A 32 30.20 1.81 -1.86
N GLN A 33 29.50 2.09 -0.77
CA GLN A 33 30.02 1.79 0.60
C GLN A 33 29.63 0.38 1.03
N GLY A 34 29.03 -0.41 0.13
CA GLY A 34 28.71 -1.81 0.45
C GLY A 34 27.35 -1.94 1.12
N ASN A 35 26.52 -0.89 1.02
CA ASN A 35 25.21 -0.88 1.71
C ASN A 35 24.11 -1.28 0.73
N ARG A 36 23.28 -2.26 1.11
CA ARG A 36 22.19 -2.74 0.23
C ARG A 36 20.98 -1.78 0.33
N THR A 37 21.04 -0.79 1.22
CA THR A 37 19.99 0.24 1.30
C THR A 37 20.69 1.60 1.23
N THR A 38 20.14 2.55 0.48
CA THR A 38 20.75 3.90 0.33
C THR A 38 19.80 4.93 0.93
N PRO A 39 20.24 5.81 1.85
CA PRO A 39 19.38 6.85 2.39
C PRO A 39 18.78 7.74 1.29
N SER A 40 17.51 8.11 1.44
CA SER A 40 16.85 9.01 0.46
C SER A 40 17.16 10.45 0.85
N TYR A 41 18.44 10.82 0.82
CA TYR A 41 18.88 12.17 1.24
C TYR A 41 19.69 12.82 0.12
N VAL A 42 19.40 14.08 -0.21
CA VAL A 42 20.21 14.81 -1.21
C VAL A 42 20.81 16.04 -0.51
N ALA A 43 22.14 16.22 -0.59
CA ALA A 43 22.80 17.33 0.14
C ALA A 43 23.45 18.30 -0.85
N PHE A 44 23.27 19.59 -0.61
CA PHE A 44 23.86 20.62 -1.50
C PHE A 44 24.97 21.35 -0.74
N THR A 45 26.14 21.48 -1.36
CA THR A 45 27.30 22.14 -0.71
C THR A 45 27.83 23.23 -1.64
N ASP A 46 28.75 24.05 -1.15
CA ASP A 46 29.33 25.15 -1.96
C ASP A 46 30.07 24.57 -3.18
N THR A 47 30.53 23.32 -3.09
CA THR A 47 31.32 22.73 -4.19
C THR A 47 30.63 21.55 -4.90
N GLU A 48 29.66 20.88 -4.28
CA GLU A 48 29.12 19.65 -4.92
C GLU A 48 27.72 19.24 -4.45
N ARG A 49 27.08 18.31 -5.16
CA ARG A 49 25.76 17.77 -4.74
C ARG A 49 25.97 16.33 -4.28
N LEU A 50 25.53 16.00 -3.07
CA LEU A 50 25.75 14.64 -2.50
C LEU A 50 24.43 13.90 -2.43
N ILE A 51 24.41 12.62 -2.84
CA ILE A 51 23.16 11.80 -2.80
C ILE A 51 23.46 10.52 -2.01
N GLY A 52 22.57 10.14 -1.09
CA GLY A 52 22.76 8.85 -0.41
C GLY A 52 23.45 8.91 0.93
N ASP A 53 24.29 7.91 1.21
CA ASP A 53 24.97 7.81 2.53
C ASP A 53 25.83 9.05 2.77
N ALA A 54 26.50 9.55 1.74
CA ALA A 54 27.40 10.70 1.93
C ALA A 54 26.59 11.89 2.44
N ALA A 55 25.41 12.10 1.88
CA ALA A 55 24.55 13.22 2.30
C ALA A 55 24.14 13.08 3.77
N LYS A 56 23.73 11.88 4.18
CA LYS A 56 23.26 11.65 5.57
C LYS A 56 24.41 11.86 6.54
N ASN A 57 25.61 11.45 6.16
CA ASN A 57 26.80 11.55 7.07
C ASN A 57 27.08 13.01 7.41
N GLN A 58 26.84 13.93 6.49
CA GLN A 58 27.17 15.37 6.72
C GLN A 58 25.92 16.19 7.09
N VAL A 59 24.80 15.54 7.45
CA VAL A 59 23.54 16.29 7.69
C VAL A 59 23.73 17.30 8.83
N ALA A 60 24.43 16.93 9.91
CA ALA A 60 24.57 17.85 11.06
C ALA A 60 25.32 19.10 10.63
N MET A 61 26.33 18.93 9.77
CA MET A 61 27.21 20.04 9.33
C MET A 61 26.39 21.00 8.45
N ASN A 62 25.52 20.46 7.59
CA ASN A 62 24.74 21.31 6.67
C ASN A 62 23.25 20.91 6.72
N PRO A 63 22.53 21.14 7.84
CA PRO A 63 21.13 20.72 7.96
C PRO A 63 20.26 21.47 6.95
N THR A 64 20.55 22.77 6.78
CA THR A 64 19.72 23.68 5.94
C THR A 64 19.74 23.19 4.49
N ASN A 65 20.85 22.58 4.05
CA ASN A 65 20.96 22.21 2.62
C ASN A 65 20.83 20.69 2.43
N THR A 66 20.59 19.93 3.50
CA THR A 66 20.37 18.47 3.34
C THR A 66 18.87 18.19 3.29
N VAL A 67 18.41 17.51 2.23
CA VAL A 67 16.95 17.30 2.03
C VAL A 67 16.56 15.84 2.26
N PHE A 68 15.44 15.61 2.93
CA PHE A 68 14.94 14.24 3.19
C PHE A 68 13.42 14.32 3.28
N ASP A 69 12.72 13.18 3.30
CA ASP A 69 11.24 13.15 3.44
C ASP A 69 10.58 13.85 2.25
N ALA A 70 11.20 13.77 1.07
CA ALA A 70 10.61 14.33 -0.17
C ALA A 70 9.35 13.54 -0.53
N LYS A 71 9.32 12.26 -0.18
CA LYS A 71 8.15 11.40 -0.49
C LYS A 71 6.93 11.96 0.23
N ARG A 72 7.15 12.62 1.39
CA ARG A 72 6.04 13.27 2.12
C ARG A 72 5.46 14.43 1.29
N LEU A 73 6.26 15.09 0.46
CA LEU A 73 5.80 16.28 -0.30
C LEU A 73 5.42 15.92 -1.74
N ILE A 74 5.77 14.72 -2.20
CA ILE A 74 5.56 14.40 -3.65
C ILE A 74 4.08 14.43 -4.00
N GLY A 75 3.72 15.06 -5.12
CA GLY A 75 2.31 15.09 -5.59
C GLY A 75 1.37 15.70 -4.57
N ARG A 76 1.84 16.67 -3.79
CA ARG A 76 0.98 17.35 -2.79
C ARG A 76 0.97 18.86 -3.08
N ARG A 77 0.34 19.64 -2.20
CA ARG A 77 0.22 21.11 -2.41
C ARG A 77 0.71 21.79 -1.14
N PHE A 78 1.23 23.01 -1.24
CA PHE A 78 1.78 23.69 -0.04
C PHE A 78 0.68 23.87 0.99
N ASP A 79 -0.58 24.00 0.54
CA ASP A 79 -1.71 24.28 1.48
C ASP A 79 -2.02 23.06 2.37
N ASP A 80 -1.84 21.84 1.86
CA ASP A 80 -2.13 20.59 2.63
C ASP A 80 -1.67 20.66 4.10
N ALA A 81 -2.52 20.21 5.03
CA ALA A 81 -2.19 20.21 6.48
C ALA A 81 -0.96 19.33 6.69
N VAL A 82 -0.84 18.24 5.91
CA VAL A 82 0.32 17.33 6.07
C VAL A 82 1.58 18.14 5.79
N VAL A 83 1.63 18.80 4.63
CA VAL A 83 2.81 19.63 4.27
C VAL A 83 3.05 20.65 5.39
N GLN A 84 2.00 21.38 5.79
CA GLN A 84 2.23 22.45 6.79
C GLN A 84 2.74 21.82 8.09
N SER A 85 2.11 20.75 8.57
CA SER A 85 2.54 20.17 9.87
C SER A 85 3.98 19.65 9.77
N ASP A 86 4.32 19.02 8.65
CA ASP A 86 5.67 18.40 8.50
C ASP A 86 6.77 19.46 8.54
N MET A 87 6.53 20.62 7.90
CA MET A 87 7.57 21.68 7.80
C MET A 87 8.16 21.98 9.19
N LYS A 88 7.37 21.88 10.25
CA LYS A 88 7.86 22.28 11.60
C LYS A 88 9.13 21.50 11.95
N HIS A 89 9.19 20.20 11.63
CA HIS A 89 10.35 19.39 12.08
C HIS A 89 11.48 19.34 11.03
N TRP A 90 11.33 20.02 9.90
CA TRP A 90 12.36 19.91 8.82
C TRP A 90 13.34 21.08 8.92
N PRO A 91 14.66 20.84 9.05
CA PRO A 91 15.65 21.93 9.07
C PRO A 91 15.72 22.67 7.73
N PHE A 92 15.50 21.97 6.62
CA PHE A 92 15.55 22.60 5.28
C PHE A 92 14.31 23.46 5.07
N MET A 93 14.39 24.42 4.15
CA MET A 93 13.28 25.38 3.94
C MET A 93 12.33 24.87 2.85
N VAL A 94 11.02 24.90 3.12
CA VAL A 94 10.00 24.53 2.09
C VAL A 94 9.32 25.84 1.70
N VAL A 95 9.26 26.14 0.42
CA VAL A 95 8.75 27.48 0.01
C VAL A 95 7.52 27.30 -0.87
N ASN A 96 6.64 28.30 -0.87
CA ASN A 96 5.40 28.24 -1.69
C ASN A 96 5.71 28.72 -3.10
N ASP A 97 5.39 27.90 -4.11
CA ASP A 97 5.56 28.32 -5.53
C ASP A 97 4.22 28.12 -6.22
N ALA A 98 3.32 29.09 -6.12
CA ALA A 98 1.96 28.97 -6.70
C ALA A 98 1.26 27.76 -6.10
N GLY A 99 1.49 27.49 -4.81
CA GLY A 99 0.82 26.37 -4.13
C GLY A 99 1.52 25.04 -4.33
N ARG A 100 2.63 25.03 -5.09
CA ARG A 100 3.36 23.77 -5.36
C ARG A 100 4.60 23.78 -4.45
N PRO A 101 4.78 22.77 -3.57
CA PRO A 101 5.88 22.81 -2.62
C PRO A 101 7.24 22.65 -3.33
N LYS A 102 8.22 23.48 -2.95
CA LYS A 102 9.59 23.34 -3.49
C LYS A 102 10.57 23.52 -2.31
N VAL A 103 11.75 22.91 -2.39
CA VAL A 103 12.73 23.01 -1.28
C VAL A 103 13.76 24.09 -1.61
N GLN A 104 14.12 24.93 -0.64
CA GLN A 104 15.09 26.02 -0.87
C GLN A 104 16.41 25.65 -0.21
N VAL A 105 17.50 25.67 -0.99
CA VAL A 105 18.84 25.24 -0.47
C VAL A 105 19.91 26.13 -1.08
N GLU A 106 21.11 26.16 -0.50
CA GLU A 106 22.23 26.91 -1.10
C GLU A 106 23.10 25.91 -1.89
N TYR A 107 23.26 26.16 -3.19
CA TYR A 107 24.09 25.27 -4.04
C TYR A 107 25.08 26.11 -4.85
N LYS A 108 26.38 25.99 -4.55
CA LYS A 108 27.44 26.73 -5.30
C LYS A 108 27.25 28.25 -5.18
N GLY A 109 26.81 28.74 -4.03
CA GLY A 109 26.72 30.19 -3.80
C GLY A 109 25.48 30.81 -4.42
N GLU A 110 24.65 30.00 -5.07
CA GLU A 110 23.39 30.51 -5.64
C GLU A 110 22.27 29.82 -4.86
N THR A 111 21.28 30.58 -4.38
CA THR A 111 20.17 29.87 -3.71
C THR A 111 19.40 29.12 -4.79
N LYS A 112 19.10 27.84 -4.56
CA LYS A 112 18.44 27.01 -5.60
C LYS A 112 17.19 26.37 -5.01
N SER A 113 16.13 26.26 -5.81
CA SER A 113 14.87 25.65 -5.33
C SER A 113 14.53 24.46 -6.22
N PHE A 114 14.06 23.35 -5.63
CA PHE A 114 13.80 22.13 -6.43
C PHE A 114 12.43 21.53 -6.10
N TYR A 115 11.79 20.92 -7.09
CA TYR A 115 10.48 20.25 -6.88
C TYR A 115 10.72 18.98 -6.06
N PRO A 116 9.69 18.42 -5.39
CA PRO A 116 9.85 17.15 -4.69
C PRO A 116 10.23 16.02 -5.67
N GLU A 117 9.62 16.00 -6.85
CA GLU A 117 9.96 14.98 -7.88
C GLU A 117 11.42 15.13 -8.30
N GLU A 118 11.92 16.37 -8.37
CA GLU A 118 13.34 16.60 -8.73
C GLU A 118 14.27 16.01 -7.67
N VAL A 119 13.94 16.18 -6.39
CA VAL A 119 14.77 15.60 -5.29
C VAL A 119 14.72 14.08 -5.41
N SER A 120 13.53 13.52 -5.65
CA SER A 120 13.36 12.06 -5.79
C SER A 120 14.11 11.56 -7.02
N SER A 121 14.17 12.36 -8.09
CA SER A 121 14.88 11.98 -9.33
C SER A 121 16.36 11.78 -9.02
N MET A 122 16.92 12.66 -8.18
CA MET A 122 18.35 12.55 -7.80
C MET A 122 18.59 11.24 -7.04
N VAL A 123 17.67 10.86 -6.14
CA VAL A 123 17.80 9.56 -5.42
C VAL A 123 17.71 8.41 -6.43
N LEU A 124 16.79 8.50 -7.38
CA LEU A 124 16.64 7.45 -8.43
C LEU A 124 17.91 7.40 -9.28
N THR A 125 18.54 8.56 -9.50
CA THR A 125 19.78 8.62 -10.31
C THR A 125 20.87 7.78 -9.63
N LYS A 126 21.01 7.90 -8.31
CA LYS A 126 22.02 7.12 -7.56
C LYS A 126 21.69 5.63 -7.65
N MET A 127 20.42 5.26 -7.50
CA MET A 127 20.02 3.84 -7.55
C MET A 127 20.30 3.29 -8.94
N LYS A 128 20.05 4.08 -9.98
CA LYS A 128 20.36 3.66 -11.36
C LYS A 128 21.87 3.46 -11.50
N GLU A 129 22.66 4.39 -10.96
CA GLU A 129 24.14 4.31 -11.03
C GLU A 129 24.64 3.09 -10.25
N ILE A 130 24.02 2.81 -9.10
CA ILE A 130 24.43 1.64 -8.28
C ILE A 130 24.17 0.38 -9.12
N ALA A 131 23.02 0.33 -9.79
CA ALA A 131 22.67 -0.83 -10.63
C ALA A 131 23.62 -0.95 -11.81
N GLU A 132 23.96 0.16 -12.44
CA GLU A 132 24.83 0.15 -13.65
C GLU A 132 26.22 -0.36 -13.27
N ALA A 133 26.73 0.08 -12.13
CA ALA A 133 28.08 -0.36 -11.68
C ALA A 133 28.08 -1.86 -11.46
N TYR A 134 27.03 -2.39 -10.84
CA TYR A 134 26.94 -3.84 -10.59
C TYR A 134 26.74 -4.61 -11.90
N LEU A 135 25.80 -4.18 -12.73
CA LEU A 135 25.47 -4.90 -13.99
C LEU A 135 26.57 -4.76 -15.05
N GLY A 136 27.21 -3.60 -15.13
CA GLY A 136 28.23 -3.33 -16.16
C GLY A 136 27.57 -2.85 -17.43
N LYS A 137 26.24 -2.68 -17.40
CA LYS A 137 25.47 -2.25 -18.58
C LYS A 137 24.54 -1.11 -18.18
N THR A 138 24.21 -0.22 -19.11
CA THR A 138 23.25 0.87 -18.84
C THR A 138 21.88 0.27 -18.48
N VAL A 139 21.19 0.86 -17.50
CA VAL A 139 19.83 0.37 -17.12
C VAL A 139 18.81 1.49 -17.37
N THR A 140 17.90 1.29 -18.32
CA THR A 140 16.83 2.30 -18.56
C THR A 140 15.50 1.83 -17.98
N ASN A 141 15.10 0.58 -18.25
CA ASN A 141 13.76 0.11 -17.79
C ASN A 141 13.76 -0.12 -16.28
N ALA A 142 12.69 0.32 -15.60
CA ALA A 142 12.61 0.13 -14.13
C ALA A 142 11.15 0.04 -13.67
N VAL A 143 10.91 -0.63 -12.53
CA VAL A 143 9.54 -0.66 -11.94
C VAL A 143 9.68 0.02 -10.57
N VAL A 144 8.92 1.10 -10.34
CA VAL A 144 9.09 1.88 -9.07
C VAL A 144 7.85 1.67 -8.21
N THR A 145 8.05 1.43 -6.90
CA THR A 145 6.92 1.12 -6.00
C THR A 145 6.45 2.36 -5.24
N VAL A 146 5.17 2.41 -4.90
CA VAL A 146 4.59 3.56 -4.16
C VAL A 146 3.67 3.02 -3.06
N PRO A 147 3.37 3.77 -1.98
CA PRO A 147 2.41 3.30 -0.99
C PRO A 147 1.04 3.11 -1.65
N ALA A 148 0.28 2.11 -1.19
CA ALA A 148 -1.04 1.79 -1.80
C ALA A 148 -2.02 2.96 -1.69
N TYR A 149 -1.86 3.81 -0.68
CA TYR A 149 -2.82 4.93 -0.47
C TYR A 149 -2.51 6.11 -1.39
N PHE A 150 -1.41 6.03 -2.15
CA PHE A 150 -1.01 7.15 -3.04
C PHE A 150 -2.09 7.42 -4.09
N ASN A 151 -2.43 8.69 -4.30
CA ASN A 151 -3.42 9.10 -5.32
C ASN A 151 -2.72 9.18 -6.70
N ASP A 152 -3.48 9.47 -7.74
CA ASP A 152 -2.92 9.51 -9.13
C ASP A 152 -1.82 10.57 -9.24
N SER A 153 -1.99 11.74 -8.62
CA SER A 153 -0.99 12.83 -8.73
C SER A 153 0.33 12.40 -8.08
N GLN A 154 0.25 11.71 -6.94
CA GLN A 154 1.47 11.21 -6.24
C GLN A 154 2.14 10.13 -7.10
N ARG A 155 1.35 9.23 -7.68
CA ARG A 155 1.91 8.19 -8.57
C ARG A 155 2.55 8.83 -9.80
N GLN A 156 1.90 9.82 -10.41
CA GLN A 156 2.44 10.50 -11.61
C GLN A 156 3.73 11.23 -11.24
N ALA A 157 3.74 11.88 -10.07
CA ALA A 157 4.94 12.61 -9.62
C ALA A 157 6.09 11.62 -9.46
N THR A 158 5.80 10.42 -8.95
CA THR A 158 6.86 9.38 -8.81
C THR A 158 7.37 8.95 -10.19
N LYS A 159 6.47 8.76 -11.16
CA LYS A 159 6.87 8.35 -12.53
C LYS A 159 7.71 9.46 -13.16
N ASP A 160 7.33 10.72 -12.93
CA ASP A 160 8.05 11.88 -13.50
C ASP A 160 9.48 11.88 -12.93
N ALA A 161 9.65 11.53 -11.66
CA ALA A 161 10.99 11.54 -11.03
C ALA A 161 11.89 10.55 -11.77
N GLY A 162 11.36 9.36 -12.09
CA GLY A 162 12.13 8.38 -12.88
C GLY A 162 12.43 8.89 -14.27
N THR A 163 11.46 9.56 -14.89
CA THR A 163 11.64 10.06 -16.29
C THR A 163 12.81 11.04 -16.29
N ILE A 164 12.88 11.91 -15.29
CA ILE A 164 13.99 12.90 -15.18
C ILE A 164 15.29 12.10 -14.99
N ALA A 165 15.24 11.03 -14.20
CA ALA A 165 16.44 10.23 -13.89
C ALA A 165 16.94 9.50 -15.15
N GLY A 166 16.13 9.43 -16.20
CA GLY A 166 16.52 8.73 -17.44
C GLY A 166 15.96 7.32 -17.46
N LEU A 167 15.09 7.02 -16.51
CA LEU A 167 14.50 5.66 -16.41
C LEU A 167 13.16 5.61 -17.13
N ASN A 168 12.89 4.53 -17.84
CA ASN A 168 11.55 4.35 -18.43
C ASN A 168 10.77 3.53 -17.39
N VAL A 169 9.77 4.13 -16.75
CA VAL A 169 9.05 3.42 -15.67
C VAL A 169 7.99 2.55 -16.33
N LEU A 170 8.24 1.23 -16.37
CA LEU A 170 7.30 0.29 -17.04
C LEU A 170 5.97 0.27 -16.29
N ARG A 171 6.02 0.31 -14.96
CA ARG A 171 4.78 0.36 -14.17
C ARG A 171 5.04 0.89 -12.76
N ILE A 172 4.05 1.55 -12.17
CA ILE A 172 4.15 1.97 -10.75
C ILE A 172 3.30 0.94 -10.01
N ILE A 173 3.88 0.25 -9.01
CA ILE A 173 3.13 -0.85 -8.35
C ILE A 173 3.10 -0.59 -6.84
N ASN A 174 2.07 -1.08 -6.17
CA ASN A 174 1.93 -0.86 -4.71
C ASN A 174 3.04 -1.60 -3.97
N GLU A 175 3.57 -0.99 -2.92
CA GLU A 175 4.64 -1.61 -2.10
C GLU A 175 4.11 -2.90 -1.43
N PRO A 176 2.88 -2.97 -0.87
CA PRO A 176 2.38 -4.23 -0.33
C PRO A 176 2.28 -5.32 -1.39
N THR A 177 1.84 -4.96 -2.60
CA THR A 177 1.74 -5.93 -3.72
C THR A 177 3.13 -6.46 -4.06
N ALA A 178 4.14 -5.59 -4.05
CA ALA A 178 5.53 -6.02 -4.37
C ALA A 178 6.00 -7.04 -3.34
N ALA A 179 5.71 -6.81 -2.06
CA ALA A 179 6.12 -7.73 -0.98
C ALA A 179 5.45 -9.09 -1.19
N ALA A 180 4.18 -9.09 -1.56
CA ALA A 180 3.45 -10.36 -1.82
C ALA A 180 4.07 -11.12 -2.99
N ILE A 181 4.43 -10.40 -4.06
CA ILE A 181 5.06 -11.04 -5.25
C ILE A 181 6.38 -11.68 -4.83
N ALA A 182 7.12 -11.02 -3.96
CA ALA A 182 8.43 -11.54 -3.48
C ALA A 182 8.20 -12.87 -2.76
N TYR A 183 7.12 -13.00 -2.00
CA TYR A 183 6.80 -14.25 -1.28
C TYR A 183 6.02 -15.21 -2.18
N GLY A 184 5.72 -14.80 -3.42
CA GLY A 184 5.03 -15.69 -4.38
C GLY A 184 3.65 -16.08 -3.90
N LEU A 185 2.97 -15.18 -3.21
CA LEU A 185 1.58 -15.44 -2.75
C LEU A 185 0.64 -15.52 -3.94
N ASP A 186 0.96 -14.82 -5.03
CA ASP A 186 0.14 -14.87 -6.27
C ASP A 186 0.13 -16.29 -6.84
N LYS A 187 1.24 -17.01 -6.73
CA LYS A 187 1.42 -18.32 -7.41
C LYS A 187 0.84 -19.42 -6.53
N LYS A 188 0.38 -19.07 -5.33
CA LYS A 188 -0.25 -20.05 -4.41
C LYS A 188 -1.61 -20.48 -4.97
N VAL A 189 -1.95 -21.76 -4.79
CA VAL A 189 -3.11 -22.40 -5.47
C VAL A 189 -4.42 -21.85 -4.87
N GLY A 190 -5.55 -22.04 -5.56
CA GLY A 190 -6.82 -21.78 -4.85
C GLY A 190 -7.56 -20.49 -5.04
N ALA A 191 -8.31 -20.08 -4.02
CA ALA A 191 -9.22 -18.92 -4.19
C ALA A 191 -9.13 -17.82 -3.12
N GLU A 192 -9.04 -16.56 -3.53
CA GLU A 192 -9.16 -15.40 -2.59
C GLU A 192 -8.30 -15.50 -1.33
N ARG A 193 -7.00 -15.76 -1.45
CA ARG A 193 -6.17 -15.70 -0.22
C ARG A 193 -6.17 -14.26 0.29
N ASN A 194 -6.40 -14.06 1.59
CA ASN A 194 -6.40 -12.69 2.19
C ASN A 194 -5.02 -12.46 2.80
N VAL A 195 -4.37 -11.34 2.48
CA VAL A 195 -2.97 -11.13 2.94
C VAL A 195 -2.91 -9.82 3.71
N LEU A 196 -2.28 -9.84 4.89
CA LEU A 196 -2.06 -8.59 5.65
C LEU A 196 -0.57 -8.23 5.57
N ILE A 197 -0.23 -7.12 4.94
CA ILE A 197 1.17 -6.64 4.89
C ILE A 197 1.38 -5.68 6.06
N PHE A 198 2.27 -6.03 6.97
CA PHE A 198 2.60 -5.19 8.15
C PHE A 198 3.93 -4.51 7.87
N ASP A 199 3.91 -3.20 7.62
CA ASP A 199 5.14 -2.48 7.19
C ASP A 199 5.48 -1.45 8.27
N LEU A 200 6.58 -1.68 9.01
CA LEU A 200 7.04 -0.72 10.03
C LEU A 200 8.42 -0.22 9.61
N GLY A 201 8.48 0.91 8.89
CA GLY A 201 9.76 1.48 8.42
C GLY A 201 10.41 2.37 9.47
N GLY A 202 11.48 3.07 9.10
CA GLY A 202 12.18 3.96 10.03
C GLY A 202 11.31 5.12 10.50
N GLY A 203 10.50 5.69 9.62
CA GLY A 203 9.63 6.82 10.00
C GLY A 203 8.16 6.60 9.70
N THR A 204 7.79 5.51 9.02
CA THR A 204 6.38 5.35 8.58
C THR A 204 5.82 3.97 8.93
N PHE A 205 4.55 3.90 9.32
CA PHE A 205 3.88 2.60 9.57
C PHE A 205 2.69 2.44 8.60
N ASP A 206 2.69 1.34 7.84
CA ASP A 206 1.60 1.04 6.88
C ASP A 206 1.07 -0.38 7.14
N VAL A 207 -0.26 -0.54 7.15
CA VAL A 207 -0.87 -1.91 7.25
C VAL A 207 -1.83 -2.03 6.06
N SER A 208 -1.59 -2.99 5.17
CA SER A 208 -2.45 -3.13 3.96
C SER A 208 -3.07 -4.52 3.89
N ILE A 209 -4.36 -4.61 3.60
CA ILE A 209 -4.98 -5.96 3.41
C ILE A 209 -5.22 -6.16 1.91
N LEU A 210 -4.66 -7.24 1.35
CA LEU A 210 -4.79 -7.49 -0.11
C LEU A 210 -5.49 -8.83 -0.32
N THR A 211 -6.42 -8.90 -1.26
CA THR A 211 -7.03 -10.22 -1.59
C THR A 211 -6.40 -10.66 -2.91
N ILE A 212 -5.77 -11.84 -2.93
CA ILE A 212 -5.07 -12.30 -4.16
C ILE A 212 -5.86 -13.46 -4.75
N ALA A 213 -6.23 -13.36 -6.02
CA ALA A 213 -7.05 -14.41 -6.66
C ALA A 213 -6.69 -14.51 -8.13
N ALA A 214 -6.27 -15.70 -8.59
CA ALA A 214 -5.90 -15.91 -10.01
C ALA A 214 -4.86 -14.90 -10.48
N GLY A 215 -3.88 -14.57 -9.63
CA GLY A 215 -2.80 -13.66 -10.04
C GLY A 215 -3.21 -12.20 -9.98
N ILE A 216 -4.41 -11.92 -9.49
CA ILE A 216 -4.93 -10.52 -9.44
C ILE A 216 -4.91 -10.03 -7.99
N PHE A 217 -4.39 -8.83 -7.77
CA PHE A 217 -4.29 -8.28 -6.40
C PHE A 217 -5.33 -7.17 -6.22
N GLU A 218 -6.10 -7.21 -5.13
CA GLU A 218 -7.05 -6.12 -4.82
C GLU A 218 -6.69 -5.56 -3.45
N VAL A 219 -6.56 -4.24 -3.34
CA VAL A 219 -6.29 -3.62 -2.01
C VAL A 219 -7.65 -3.38 -1.33
N LYS A 220 -8.03 -4.28 -0.44
CA LYS A 220 -9.31 -4.13 0.28
C LYS A 220 -9.25 -2.95 1.25
N SER A 221 -8.12 -2.77 1.94
CA SER A 221 -8.05 -1.70 2.95
C SER A 221 -6.61 -1.23 3.21
N THR A 222 -6.45 -0.01 3.75
CA THR A 222 -5.13 0.51 4.14
C THR A 222 -5.29 1.24 5.47
N ALA A 223 -4.28 1.19 6.35
CA ALA A 223 -4.32 1.93 7.63
C ALA A 223 -2.88 2.11 8.11
N GLY A 224 -2.65 3.02 9.06
CA GLY A 224 -1.30 3.16 9.61
C GLY A 224 -1.05 4.53 10.21
N ASP A 225 0.20 4.80 10.59
CA ASP A 225 0.60 6.12 11.11
C ASP A 225 1.78 6.59 10.27
N THR A 226 1.67 7.76 9.64
CA THR A 226 2.75 8.28 8.75
C THR A 226 3.93 8.76 9.58
N HIS A 227 3.73 8.93 10.89
CA HIS A 227 4.79 9.48 11.75
C HIS A 227 5.28 8.47 12.80
N LEU A 228 5.04 7.17 12.60
CA LEU A 228 5.53 6.14 13.54
C LEU A 228 6.58 5.24 12.85
N GLY A 229 7.73 5.06 13.49
CA GLY A 229 8.80 4.23 12.91
C GLY A 229 9.90 3.91 13.91
N GLY A 230 10.98 3.27 13.45
CA GLY A 230 12.10 2.89 14.31
C GLY A 230 12.75 4.09 14.99
N GLU A 231 12.82 5.22 14.31
CA GLU A 231 13.48 6.44 14.87
C GLU A 231 12.75 6.86 16.15
N ASP A 232 11.43 6.72 16.19
CA ASP A 232 10.64 7.08 17.40
C ASP A 232 11.08 6.20 18.56
N PHE A 233 11.35 4.92 18.28
CA PHE A 233 11.83 3.99 19.33
C PHE A 233 13.20 4.44 19.81
N ASP A 234 14.06 4.89 18.90
CA ASP A 234 15.41 5.40 19.27
C ASP A 234 15.25 6.64 20.15
N ASN A 235 14.27 7.49 19.83
CA ASN A 235 14.07 8.76 20.58
C ASN A 235 13.70 8.44 22.04
N ARG A 236 12.88 7.43 22.25
CA ARG A 236 12.47 7.03 23.63
C ARG A 236 13.72 6.60 24.40
N MET A 237 14.61 5.84 23.74
CA MET A 237 15.88 5.43 24.39
C MET A 237 16.74 6.66 24.68
N VAL A 238 16.81 7.62 23.74
CA VAL A 238 17.66 8.83 23.92
C VAL A 238 17.14 9.64 25.11
N ASN A 239 15.83 9.83 25.21
CA ASN A 239 15.23 10.63 26.32
C ASN A 239 15.51 9.92 27.64
N HIS A 240 15.40 8.60 27.65
CA HIS A 240 15.66 7.82 28.89
C HIS A 240 17.10 8.03 29.34
N PHE A 241 18.06 7.92 28.43
CA PHE A 241 19.49 8.07 28.78
C PHE A 241 19.81 9.50 29.22
N ILE A 242 19.19 10.50 28.57
CA ILE A 242 19.41 11.91 29.00
C ILE A 242 18.91 12.06 30.45
N ALA A 243 17.75 11.48 30.76
CA ALA A 243 17.20 11.55 32.14
C ALA A 243 18.13 10.81 33.11
N GLU A 244 18.66 9.67 32.69
CA GLU A 244 19.57 8.88 33.56
C GLU A 244 20.82 9.69 33.87
N PHE A 245 21.40 10.34 32.86
CA PHE A 245 22.64 11.14 33.06
C PHE A 245 22.31 12.30 34.01
N LYS A 246 21.14 12.90 33.84
CA LYS A 246 20.72 14.05 34.71
C LYS A 246 20.56 13.57 36.16
N ARG A 247 20.03 12.38 36.38
CA ARG A 247 19.93 11.83 37.75
C ARG A 247 21.31 11.41 38.28
N LYS A 248 22.09 10.68 37.48
CA LYS A 248 23.41 10.16 37.94
C LYS A 248 24.47 11.25 38.09
N HIS A 249 24.55 12.20 37.13
CA HIS A 249 25.65 13.20 37.15
C HIS A 249 25.13 14.64 37.27
N LYS A 250 23.82 14.82 37.47
CA LYS A 250 23.24 16.17 37.67
C LYS A 250 23.55 17.12 36.51
N LYS A 251 23.54 16.60 35.27
CA LYS A 251 23.80 17.45 34.08
C LYS A 251 22.81 17.12 32.96
N ASP A 252 22.35 18.13 32.22
CA ASP A 252 21.48 17.88 31.03
C ASP A 252 22.37 17.97 29.78
N ILE A 253 22.49 16.88 29.03
CA ILE A 253 23.40 16.85 27.85
C ILE A 253 22.64 17.39 26.64
N SER A 254 21.37 17.74 26.80
CA SER A 254 20.52 18.18 25.66
C SER A 254 21.10 19.46 25.05
N GLU A 255 21.77 20.28 25.85
CA GLU A 255 22.39 21.54 25.37
C GLU A 255 23.41 21.22 24.27
N ASN A 256 24.17 20.14 24.43
CA ASN A 256 25.24 19.83 23.44
C ASN A 256 24.69 18.97 22.32
N LYS A 257 24.68 19.50 21.10
CA LYS A 257 24.15 18.76 19.93
C LYS A 257 24.99 17.52 19.66
N ARG A 258 26.31 17.64 19.73
CA ARG A 258 27.20 16.48 19.43
C ARG A 258 26.93 15.38 20.45
N ALA A 259 26.74 15.74 21.71
CA ALA A 259 26.51 14.73 22.77
C ALA A 259 25.22 13.96 22.47
N VAL A 260 24.16 14.67 22.09
CA VAL A 260 22.86 14.01 21.76
C VAL A 260 23.07 13.11 20.55
N ARG A 261 23.80 13.59 19.54
CA ARG A 261 24.00 12.80 18.30
C ARG A 261 24.76 11.51 18.63
N ARG A 262 25.79 11.60 19.47
CA ARG A 262 26.58 10.40 19.84
C ARG A 262 25.67 9.42 20.58
N LEU A 263 24.83 9.92 21.48
CA LEU A 263 23.91 9.04 22.25
C LEU A 263 22.93 8.37 21.29
N ARG A 264 22.43 9.12 20.30
CA ARG A 264 21.43 8.57 19.36
C ARG A 264 22.07 7.42 18.58
N THR A 265 23.31 7.58 18.16
CA THR A 265 24.00 6.52 17.38
C THR A 265 24.13 5.27 18.27
N ALA A 266 24.49 5.46 19.54
CA ALA A 266 24.62 4.31 20.47
C ALA A 266 23.26 3.64 20.63
N CYS A 267 22.20 4.43 20.75
CA CYS A 267 20.84 3.88 20.94
C CYS A 267 20.42 3.05 19.72
N GLU A 268 20.76 3.53 18.51
CA GLU A 268 20.42 2.79 17.28
C GLU A 268 21.13 1.44 17.27
N ARG A 269 22.41 1.42 17.64
CA ARG A 269 23.20 0.17 17.70
C ARG A 269 22.61 -0.75 18.76
N ALA A 270 22.23 -0.19 19.91
CA ALA A 270 21.66 -0.99 21.03
C ALA A 270 20.33 -1.62 20.61
N LYS A 271 19.49 -0.88 19.89
CA LYS A 271 18.18 -1.40 19.44
C LYS A 271 18.40 -2.60 18.52
N ARG A 272 19.40 -2.52 17.64
CA ARG A 272 19.72 -3.67 16.76
C ARG A 272 20.17 -4.86 17.60
N THR A 273 21.01 -4.61 18.60
CA THR A 273 21.52 -5.69 19.48
C THR A 273 20.34 -6.31 20.23
N LEU A 274 19.40 -5.48 20.70
CA LEU A 274 18.24 -5.96 21.49
C LEU A 274 17.33 -6.86 20.64
N SER A 275 17.34 -6.67 19.33
CA SER A 275 16.56 -7.57 18.45
C SER A 275 17.09 -9.02 18.56
N SER A 276 18.40 -9.19 18.73
CA SER A 276 18.99 -10.55 18.83
C SER A 276 19.41 -10.91 20.27
N SER A 277 19.55 -9.94 21.16
CA SER A 277 20.07 -10.21 22.54
C SER A 277 19.17 -9.64 23.62
N THR A 278 19.23 -10.21 24.82
CA THR A 278 18.42 -9.76 25.98
C THR A 278 18.83 -8.36 26.44
N GLN A 279 20.10 -8.02 26.37
CA GLN A 279 20.58 -6.71 26.88
C GLN A 279 21.58 -6.10 25.91
N ALA A 280 21.78 -4.79 26.01
CA ALA A 280 22.74 -4.10 25.12
C ALA A 280 23.58 -3.15 25.97
N SER A 281 24.81 -2.89 25.53
CA SER A 281 25.73 -2.03 26.31
C SER A 281 25.84 -0.65 25.67
N ILE A 282 25.81 0.40 26.48
CA ILE A 282 26.04 1.76 25.93
C ILE A 282 27.39 2.23 26.48
N GLU A 283 28.35 2.48 25.60
CA GLU A 283 29.70 2.94 26.05
C GLU A 283 30.09 4.20 25.27
N ILE A 284 30.03 5.37 25.93
CA ILE A 284 30.41 6.64 25.25
C ILE A 284 31.44 7.37 26.13
N ASP A 285 32.60 7.70 25.55
CA ASP A 285 33.68 8.38 26.33
C ASP A 285 33.46 9.89 26.34
N SER A 286 33.54 10.51 27.51
CA SER A 286 33.45 11.99 27.61
C SER A 286 32.19 12.53 26.92
N LEU A 287 31.02 11.96 27.21
CA LEU A 287 29.78 12.40 26.54
C LEU A 287 29.48 13.86 26.88
N TYR A 288 29.59 14.24 28.16
CA TYR A 288 29.29 15.64 28.57
C TYR A 288 30.17 16.03 29.77
N GLU A 289 30.88 17.16 29.66
CA GLU A 289 31.73 17.66 30.77
C GLU A 289 32.74 16.59 31.19
N GLY A 290 33.31 15.86 30.22
CA GLY A 290 34.36 14.86 30.53
C GLY A 290 33.84 13.59 31.16
N ILE A 291 32.54 13.48 31.40
CA ILE A 291 32.04 12.29 32.14
C ILE A 291 31.76 11.18 31.13
N ASP A 292 32.43 10.05 31.29
CA ASP A 292 32.16 8.88 30.42
C ASP A 292 30.78 8.32 30.79
N PHE A 293 29.98 7.92 29.80
CA PHE A 293 28.67 7.29 30.09
C PHE A 293 28.78 5.81 29.75
N TYR A 294 28.93 4.97 30.77
CA TYR A 294 28.95 3.50 30.55
C TYR A 294 27.72 2.93 31.24
N THR A 295 26.82 2.31 30.48
CA THR A 295 25.54 1.81 31.06
C THR A 295 24.99 0.70 30.17
N SER A 296 23.91 0.06 30.61
CA SER A 296 23.31 -1.03 29.83
C SER A 296 21.78 -0.87 29.81
N ILE A 297 21.12 -1.46 28.82
CA ILE A 297 19.63 -1.44 28.79
C ILE A 297 19.14 -2.86 28.50
N THR A 298 18.11 -3.31 29.21
CA THR A 298 17.53 -4.65 28.96
C THR A 298 16.49 -4.57 27.84
N ARG A 299 16.18 -5.69 27.21
CA ARG A 299 15.13 -5.73 26.16
C ARG A 299 13.81 -5.32 26.81
N ALA A 300 13.57 -5.76 28.05
CA ALA A 300 12.31 -5.43 28.75
C ALA A 300 12.18 -3.92 28.97
N ARG A 301 13.27 -3.26 29.36
CA ARG A 301 13.24 -1.78 29.55
C ARG A 301 12.94 -1.12 28.22
N PHE A 302 13.54 -1.62 27.14
CA PHE A 302 13.29 -1.06 25.77
C PHE A 302 11.81 -1.25 25.44
N GLU A 303 11.26 -2.43 25.75
CA GLU A 303 9.83 -2.71 25.49
C GLU A 303 8.96 -1.78 26.34
N GLU A 304 9.33 -1.57 27.60
CA GLU A 304 8.57 -0.67 28.51
C GLU A 304 8.60 0.78 27.98
N LEU A 305 9.76 1.24 27.52
CA LEU A 305 9.90 2.62 26.99
C LEU A 305 9.03 2.79 25.75
N ASN A 306 8.87 1.73 24.95
CA ASN A 306 8.10 1.81 23.68
C ASN A 306 6.77 1.06 23.77
N ALA A 307 6.26 0.79 24.97
CA ALA A 307 5.07 -0.08 25.10
C ALA A 307 3.85 0.49 24.38
N ASP A 308 3.59 1.78 24.52
CA ASP A 308 2.43 2.41 23.86
C ASP A 308 2.59 2.31 22.34
N LEU A 309 3.79 2.60 21.83
CA LEU A 309 4.03 2.58 20.37
C LEU A 309 3.89 1.15 19.83
N PHE A 310 4.47 0.19 20.53
CA PHE A 310 4.44 -1.23 20.09
C PHE A 310 2.99 -1.73 20.07
N ARG A 311 2.21 -1.45 21.11
CA ARG A 311 0.84 -1.99 21.19
C ARG A 311 -0.09 -1.20 20.25
N GLY A 312 0.19 0.07 20.02
CA GLY A 312 -0.65 0.88 19.12
C GLY A 312 -0.60 0.38 17.69
N THR A 313 0.36 -0.48 17.37
CA THR A 313 0.50 -1.05 15.99
C THR A 313 -0.74 -1.87 15.66
N LEU A 314 -1.31 -2.55 16.66
CA LEU A 314 -2.52 -3.38 16.47
C LEU A 314 -3.73 -2.53 16.05
N ASP A 315 -3.82 -1.28 16.48
CA ASP A 315 -5.02 -0.46 16.17
C ASP A 315 -5.19 -0.28 14.65
N PRO A 316 -4.16 0.07 13.87
CA PRO A 316 -4.28 0.12 12.40
C PRO A 316 -4.62 -1.27 11.83
N VAL A 317 -4.09 -2.33 12.42
CA VAL A 317 -4.45 -3.71 11.96
C VAL A 317 -5.96 -3.90 12.16
N GLU A 318 -6.49 -3.47 13.31
CA GLU A 318 -7.94 -3.61 13.60
C GLU A 318 -8.76 -2.78 12.60
N LYS A 319 -8.32 -1.55 12.31
CA LYS A 319 -9.06 -0.68 11.36
C LYS A 319 -9.05 -1.32 9.97
N ALA A 320 -7.91 -1.86 9.55
CA ALA A 320 -7.80 -2.45 8.20
C ALA A 320 -8.75 -3.64 8.10
N LEU A 321 -8.83 -4.45 9.15
CA LEU A 321 -9.74 -5.62 9.14
C LEU A 321 -11.19 -5.12 9.06
N ARG A 322 -11.53 -4.06 9.81
CA ARG A 322 -12.91 -3.51 9.76
C ARG A 322 -13.22 -2.96 8.36
N ASP A 323 -12.29 -2.22 7.78
CA ASP A 323 -12.51 -1.60 6.44
C ASP A 323 -12.62 -2.72 5.40
N ALA A 324 -11.85 -3.79 5.56
CA ALA A 324 -11.88 -4.93 4.62
C ALA A 324 -13.08 -5.83 4.94
N LYS A 325 -13.76 -5.56 6.06
CA LYS A 325 -14.93 -6.38 6.48
C LYS A 325 -14.49 -7.83 6.61
N LEU A 326 -13.33 -8.04 7.21
CA LEU A 326 -12.80 -9.42 7.40
C LEU A 326 -12.49 -9.65 8.87
N ASP A 327 -12.73 -10.86 9.36
CA ASP A 327 -12.33 -11.21 10.75
C ASP A 327 -10.82 -11.52 10.71
N LYS A 328 -10.16 -11.50 11.86
CA LYS A 328 -8.71 -11.82 11.93
C LYS A 328 -8.50 -13.25 11.43
N SER A 329 -9.44 -14.15 11.71
CA SER A 329 -9.34 -15.57 11.31
C SER A 329 -9.27 -15.69 9.78
N GLN A 330 -9.94 -14.80 9.06
CA GLN A 330 -10.00 -14.87 7.57
C GLN A 330 -8.67 -14.50 6.91
N ILE A 331 -7.71 -13.93 7.64
CA ILE A 331 -6.38 -13.65 7.03
C ILE A 331 -5.65 -14.98 6.78
N HIS A 332 -5.14 -15.19 5.56
CA HIS A 332 -4.46 -16.46 5.19
C HIS A 332 -2.94 -16.29 5.22
N ASP A 333 -2.43 -15.08 4.98
CA ASP A 333 -0.97 -14.83 4.98
C ASP A 333 -0.65 -13.50 5.67
N ILE A 334 0.41 -13.46 6.48
CA ILE A 334 0.86 -12.18 7.10
C ILE A 334 2.32 -11.97 6.68
N VAL A 335 2.64 -10.79 6.16
CA VAL A 335 4.02 -10.53 5.65
C VAL A 335 4.65 -9.38 6.47
N LEU A 336 5.87 -9.59 6.95
CA LEU A 336 6.57 -8.55 7.73
C LEU A 336 7.50 -7.76 6.80
N VAL A 337 7.32 -6.44 6.72
CA VAL A 337 8.16 -5.57 5.85
C VAL A 337 8.70 -4.42 6.72
N GLY A 338 9.96 -4.04 6.52
CA GLY A 338 10.58 -2.96 7.30
C GLY A 338 11.49 -3.50 8.38
N GLY A 339 12.60 -2.82 8.66
CA GLY A 339 13.59 -3.31 9.64
C GLY A 339 13.02 -3.41 11.03
N SER A 340 12.15 -2.48 11.40
CA SER A 340 11.58 -2.44 12.77
C SER A 340 10.76 -3.70 13.06
N THR A 341 10.31 -4.41 12.03
CA THR A 341 9.56 -5.68 12.22
C THR A 341 10.47 -6.77 12.82
N ARG A 342 11.79 -6.58 12.77
CA ARG A 342 12.72 -7.55 13.41
C ARG A 342 12.54 -7.53 14.93
N ILE A 343 12.01 -6.44 15.48
CA ILE A 343 11.90 -6.33 16.97
C ILE A 343 11.02 -7.47 17.48
N PRO A 344 11.49 -8.26 18.48
CA PRO A 344 10.73 -9.41 18.95
C PRO A 344 9.35 -9.08 19.53
N LYS A 345 9.23 -7.96 20.26
CA LYS A 345 7.94 -7.59 20.89
C LYS A 345 6.89 -7.33 19.81
N ILE A 346 7.27 -6.66 18.72
CA ILE A 346 6.31 -6.36 17.62
C ILE A 346 5.83 -7.69 17.02
N GLN A 347 6.74 -8.63 16.79
CA GLN A 347 6.37 -9.94 16.20
C GLN A 347 5.43 -10.69 17.16
N LYS A 348 5.74 -10.67 18.46
CA LYS A 348 4.91 -11.38 19.47
C LYS A 348 3.52 -10.75 19.50
N LEU A 349 3.43 -9.42 19.48
CA LEU A 349 2.12 -8.74 19.57
C LEU A 349 1.27 -9.11 18.36
N LEU A 350 1.88 -9.18 17.17
CA LEU A 350 1.11 -9.50 15.95
C LEU A 350 0.70 -10.97 15.97
N GLN A 351 1.62 -11.86 16.32
CA GLN A 351 1.33 -13.33 16.31
C GLN A 351 0.25 -13.64 17.35
N ASP A 352 0.35 -13.06 18.53
CA ASP A 352 -0.65 -13.30 19.60
C ASP A 352 -2.01 -12.74 19.18
N PHE A 353 -2.02 -11.58 18.52
CA PHE A 353 -3.28 -10.98 18.01
C PHE A 353 -3.89 -11.95 17.00
N PHE A 354 -3.06 -12.63 16.22
CA PHE A 354 -3.56 -13.56 15.17
C PHE A 354 -3.65 -14.98 15.71
N ASN A 355 -3.64 -15.13 17.03
CA ASN A 355 -3.83 -16.46 17.68
C ASN A 355 -2.78 -17.48 17.25
N GLY A 356 -1.51 -17.07 17.19
CA GLY A 356 -0.41 -18.02 16.91
C GLY A 356 -0.06 -18.17 15.44
N LYS A 357 -0.70 -17.42 14.55
CA LYS A 357 -0.44 -17.60 13.10
C LYS A 357 1.02 -17.31 12.77
N GLU A 358 1.64 -18.16 11.95
CA GLU A 358 3.06 -17.96 11.54
C GLU A 358 3.20 -16.68 10.72
N LEU A 359 4.33 -15.98 10.85
CA LEU A 359 4.57 -14.72 10.11
C LEU A 359 5.62 -14.95 9.02
N ASN A 360 5.39 -14.43 7.81
CA ASN A 360 6.36 -14.58 6.69
C ASN A 360 7.45 -13.51 6.80
N LYS A 361 8.59 -13.86 7.41
CA LYS A 361 9.70 -12.90 7.66
C LYS A 361 10.97 -13.33 6.91
N SER A 362 10.88 -14.37 6.08
CA SER A 362 12.08 -15.10 5.58
C SER A 362 12.97 -14.18 4.72
N ILE A 363 12.35 -13.35 3.88
CA ILE A 363 13.11 -12.38 3.03
C ILE A 363 13.43 -11.13 3.87
N ASN A 364 14.62 -10.56 3.70
CA ASN A 364 15.05 -9.42 4.55
C ASN A 364 13.94 -8.39 4.47
N PRO A 365 13.41 -7.90 5.61
CA PRO A 365 12.29 -6.98 5.60
C PRO A 365 12.60 -5.66 4.87
N ASP A 366 13.83 -5.17 5.00
CA ASP A 366 14.26 -3.92 4.31
C ASP A 366 14.31 -4.10 2.79
N GLU A 367 14.51 -5.32 2.30
CA GLU A 367 14.71 -5.54 0.84
C GLU A 367 13.52 -6.21 0.15
N ALA A 368 12.47 -6.58 0.87
CA ALA A 368 11.36 -7.34 0.25
C ALA A 368 10.66 -6.54 -0.86
N VAL A 369 10.41 -5.25 -0.65
CA VAL A 369 9.65 -4.46 -1.66
C VAL A 369 10.47 -4.38 -2.96
N ALA A 370 11.78 -4.11 -2.84
CA ALA A 370 12.65 -4.06 -4.03
C ALA A 370 12.69 -5.43 -4.70
N TYR A 371 12.68 -6.50 -3.91
CA TYR A 371 12.72 -7.87 -4.44
C TYR A 371 11.49 -8.09 -5.33
N GLY A 372 10.32 -7.73 -4.83
CA GLY A 372 9.07 -7.89 -5.60
C GLY A 372 9.08 -7.01 -6.84
N ALA A 373 9.60 -5.80 -6.70
CA ALA A 373 9.67 -4.87 -7.85
C ALA A 373 10.57 -5.48 -8.93
N ALA A 374 11.67 -6.12 -8.54
CA ALA A 374 12.59 -6.76 -9.51
C ALA A 374 11.89 -7.91 -10.25
N VAL A 375 11.13 -8.73 -9.53
CA VAL A 375 10.40 -9.86 -10.17
C VAL A 375 9.38 -9.29 -11.17
N GLN A 376 8.67 -8.24 -10.79
CA GLN A 376 7.68 -7.61 -11.69
C GLN A 376 8.38 -7.00 -12.91
N ALA A 377 9.54 -6.37 -12.70
CA ALA A 377 10.30 -5.76 -13.81
C ALA A 377 10.74 -6.84 -14.80
N ALA A 378 11.21 -7.98 -14.28
CA ALA A 378 11.64 -9.08 -15.16
C ALA A 378 10.44 -9.61 -15.93
N ILE A 379 9.30 -9.78 -15.27
CA ILE A 379 8.09 -10.36 -15.94
C ILE A 379 7.67 -9.42 -17.08
N LEU A 380 7.67 -8.11 -16.84
CA LEU A 380 7.32 -7.13 -17.91
C LEU A 380 8.37 -7.20 -19.01
N SER A 381 9.63 -7.41 -18.64
CA SER A 381 10.74 -7.55 -19.62
C SER A 381 10.86 -9.02 -20.05
N GLY A 382 12.02 -9.41 -20.59
CA GLY A 382 12.18 -10.79 -21.11
C GLY A 382 12.01 -11.86 -20.06
N ASP A 383 12.57 -11.66 -18.85
CA ASP A 383 12.51 -12.69 -17.78
C ASP A 383 13.12 -13.99 -18.29
N ASP A 395 -12.87 -23.45 -12.24
CA ASP A 395 -11.81 -22.70 -12.97
C ASP A 395 -11.85 -21.25 -12.50
N VAL A 396 -12.78 -20.88 -11.60
CA VAL A 396 -12.92 -19.51 -11.02
C VAL A 396 -13.55 -18.49 -11.99
N THR A 397 -14.21 -17.45 -11.44
CA THR A 397 -14.91 -16.45 -12.27
C THR A 397 -14.05 -15.18 -12.35
N PRO A 398 -13.75 -14.60 -13.55
CA PRO A 398 -12.86 -13.44 -13.62
C PRO A 398 -13.43 -12.18 -12.94
N LEU A 399 -14.72 -11.93 -13.11
CA LEU A 399 -15.32 -10.67 -12.58
C LEU A 399 -16.63 -10.98 -11.84
N SER A 400 -17.03 -10.10 -10.92
CA SER A 400 -18.28 -10.28 -10.16
C SER A 400 -19.48 -10.20 -11.11
N LEU A 401 -20.48 -11.06 -10.92
CA LEU A 401 -21.68 -11.09 -11.80
C LEU A 401 -22.92 -10.70 -10.98
N GLY A 402 -23.75 -9.81 -11.50
CA GLY A 402 -24.91 -9.31 -10.75
C GLY A 402 -25.97 -8.69 -11.63
N ILE A 403 -27.07 -8.23 -11.03
CA ILE A 403 -28.16 -7.55 -11.80
C ILE A 403 -28.37 -6.14 -11.25
N GLU A 404 -28.94 -5.26 -12.07
CA GLU A 404 -29.18 -3.86 -11.65
C GLU A 404 -30.39 -3.79 -10.72
N THR A 405 -30.22 -3.13 -9.57
CA THR A 405 -31.36 -2.92 -8.65
C THR A 405 -31.79 -1.46 -8.79
N ALA A 406 -32.86 -1.05 -8.13
CA ALA A 406 -33.38 0.32 -8.33
C ALA A 406 -32.28 1.34 -8.04
N GLY A 407 -32.20 2.39 -8.86
CA GLY A 407 -31.15 3.41 -8.70
C GLY A 407 -29.91 3.12 -9.54
N GLY A 408 -29.93 2.06 -10.36
CA GLY A 408 -28.77 1.68 -11.18
C GLY A 408 -27.68 1.02 -10.37
N VAL A 409 -28.02 0.54 -9.18
CA VAL A 409 -27.02 -0.08 -8.27
C VAL A 409 -26.69 -1.50 -8.76
N MET A 410 -25.46 -1.94 -8.56
CA MET A 410 -25.06 -3.32 -8.92
C MET A 410 -25.25 -4.21 -7.69
N THR A 411 -26.14 -5.20 -7.78
CA THR A 411 -26.30 -6.17 -6.67
C THR A 411 -25.65 -7.47 -7.14
N VAL A 412 -24.60 -7.92 -6.44
CA VAL A 412 -23.83 -9.10 -6.93
C VAL A 412 -24.46 -10.41 -6.48
N LEU A 413 -24.64 -11.36 -7.40
CA LEU A 413 -25.13 -12.70 -7.02
C LEU A 413 -23.95 -13.67 -6.97
N ILE A 414 -23.00 -13.54 -7.91
CA ILE A 414 -21.77 -14.39 -7.89
C ILE A 414 -20.56 -13.49 -7.72
N LYS A 415 -19.79 -13.69 -6.64
CA LYS A 415 -18.59 -12.86 -6.34
C LYS A 415 -17.45 -13.23 -7.29
N ARG A 416 -16.49 -12.32 -7.48
CA ARG A 416 -15.31 -12.61 -8.34
C ARG A 416 -14.50 -13.75 -7.72
N ASN A 417 -13.85 -14.57 -8.54
CA ASN A 417 -13.05 -15.74 -8.08
C ASN A 417 -13.91 -16.76 -7.32
N THR A 418 -15.12 -17.06 -7.81
CA THR A 418 -15.94 -18.14 -7.21
C THR A 418 -15.73 -19.36 -8.09
N THR A 419 -15.39 -20.51 -7.50
CA THR A 419 -15.09 -21.72 -8.30
C THR A 419 -16.30 -22.10 -9.16
N ILE A 420 -16.07 -22.47 -10.43
CA ILE A 420 -17.17 -22.89 -11.34
C ILE A 420 -17.03 -24.39 -11.61
N PRO A 421 -18.12 -25.18 -11.73
CA PRO A 421 -19.49 -24.68 -11.82
C PRO A 421 -20.10 -24.17 -10.50
N THR A 422 -21.04 -23.21 -10.61
CA THR A 422 -21.70 -22.65 -9.39
C THR A 422 -23.15 -22.27 -9.71
N LYS A 423 -24.02 -22.29 -8.70
CA LYS A 423 -25.44 -21.88 -8.87
C LYS A 423 -25.81 -21.00 -7.69
N GLN A 424 -26.19 -19.75 -7.94
CA GLN A 424 -26.49 -18.81 -6.85
C GLN A 424 -27.88 -18.22 -7.09
N THR A 425 -28.70 -18.15 -6.05
CA THR A 425 -30.10 -17.66 -6.21
C THR A 425 -30.40 -16.60 -5.16
N GLN A 426 -31.05 -15.51 -5.56
CA GLN A 426 -31.49 -14.47 -4.58
C GLN A 426 -32.93 -14.07 -4.92
N THR A 427 -33.65 -13.54 -3.94
CA THR A 427 -35.07 -13.16 -4.16
C THR A 427 -35.19 -11.63 -4.19
N PHE A 428 -35.94 -11.11 -5.15
CA PHE A 428 -36.05 -9.64 -5.33
C PHE A 428 -37.53 -9.25 -5.33
N THR A 429 -37.82 -7.96 -5.25
CA THR A 429 -39.23 -7.48 -5.23
C THR A 429 -39.38 -6.24 -6.12
N THR A 430 -40.62 -5.81 -6.36
CA THR A 430 -40.88 -4.56 -7.14
C THR A 430 -40.57 -3.32 -6.31
N TYR A 431 -40.18 -2.23 -6.97
CA TYR A 431 -39.85 -0.96 -6.27
C TYR A 431 -41.04 0.00 -6.30
N SER A 432 -42.00 -0.26 -7.18
CA SER A 432 -43.14 0.67 -7.36
C SER A 432 -44.45 -0.07 -7.15
N ASP A 433 -45.50 0.66 -6.75
CA ASP A 433 -46.82 0.02 -6.49
C ASP A 433 -47.41 -0.50 -7.80
N ASN A 434 -48.03 -1.67 -7.76
CA ASN A 434 -48.71 -2.24 -8.96
C ASN A 434 -47.74 -2.33 -10.13
N GLN A 435 -46.50 -2.79 -9.89
CA GLN A 435 -45.50 -2.81 -10.99
C GLN A 435 -45.85 -3.95 -11.94
N PRO A 436 -46.04 -3.66 -13.23
CA PRO A 436 -46.42 -4.69 -14.21
C PRO A 436 -45.34 -5.76 -14.39
N GLY A 437 -44.07 -5.36 -14.37
CA GLY A 437 -42.99 -6.32 -14.63
C GLY A 437 -41.64 -5.85 -14.14
N VAL A 438 -40.63 -6.71 -14.23
CA VAL A 438 -39.25 -6.34 -13.83
C VAL A 438 -38.31 -6.54 -15.02
N LEU A 439 -37.31 -5.68 -15.15
CA LEU A 439 -36.31 -5.86 -16.24
C LEU A 439 -35.04 -6.43 -15.59
N ILE A 440 -34.62 -7.62 -16.02
CA ILE A 440 -33.42 -8.26 -15.42
C ILE A 440 -32.23 -7.84 -16.29
N GLN A 441 -31.32 -7.06 -15.71
CA GLN A 441 -30.17 -6.54 -16.47
C GLN A 441 -28.91 -7.17 -15.88
N VAL A 442 -28.21 -7.99 -16.66
CA VAL A 442 -27.03 -8.74 -16.13
C VAL A 442 -25.76 -7.93 -16.39
N TYR A 443 -24.96 -7.71 -15.35
CA TYR A 443 -23.75 -6.87 -15.49
C TYR A 443 -22.51 -7.60 -14.93
N GLU A 444 -21.33 -7.20 -15.40
CA GLU A 444 -20.05 -7.78 -14.90
C GLU A 444 -19.18 -6.62 -14.43
N GLY A 445 -18.68 -6.67 -13.20
CA GLY A 445 -17.75 -5.63 -12.74
C GLY A 445 -17.65 -5.52 -11.24
N GLU A 446 -16.72 -4.69 -10.75
CA GLU A 446 -16.49 -4.56 -9.30
C GLU A 446 -16.99 -3.20 -8.80
N ARG A 447 -17.67 -2.45 -9.65
CA ARG A 447 -18.12 -1.10 -9.27
C ARG A 447 -19.53 -1.13 -8.67
N ALA A 448 -19.85 -0.18 -7.80
CA ALA A 448 -21.19 -0.11 -7.17
C ALA A 448 -22.28 0.18 -8.18
N MET A 449 -22.01 1.02 -9.19
CA MET A 449 -23.06 1.43 -10.15
C MET A 449 -22.91 0.67 -11.47
N THR A 450 -24.04 0.28 -12.06
CA THR A 450 -24.04 -0.51 -13.32
C THR A 450 -23.41 0.27 -14.47
N LYS A 451 -23.52 1.60 -14.47
CA LYS A 451 -22.95 2.43 -15.55
C LYS A 451 -21.44 2.19 -15.60
N ASP A 452 -20.82 1.93 -14.45
CA ASP A 452 -19.35 1.71 -14.38
C ASP A 452 -19.02 0.22 -14.59
N ASN A 453 -20.04 -0.61 -14.78
CA ASN A 453 -19.84 -2.06 -15.04
C ASN A 453 -20.22 -2.40 -16.48
N ASN A 454 -19.97 -3.62 -16.93
CA ASN A 454 -20.25 -4.03 -18.33
C ASN A 454 -21.58 -4.77 -18.43
N LEU A 455 -22.47 -4.37 -19.37
CA LEU A 455 -23.78 -5.04 -19.57
C LEU A 455 -23.60 -6.29 -20.44
N LEU A 456 -24.05 -7.45 -19.96
CA LEU A 456 -23.87 -8.71 -20.70
C LEU A 456 -25.16 -9.08 -21.43
N GLY A 457 -26.30 -8.87 -20.80
CA GLY A 457 -27.60 -9.19 -21.41
C GLY A 457 -28.76 -8.63 -20.63
N LYS A 458 -29.94 -8.59 -21.23
CA LYS A 458 -31.15 -8.15 -20.51
C LYS A 458 -32.38 -8.97 -20.93
N PHE A 459 -33.28 -9.23 -19.99
CA PHE A 459 -34.55 -9.92 -20.31
C PHE A 459 -35.68 -9.36 -19.44
N GLU A 460 -36.92 -9.54 -19.87
CA GLU A 460 -38.07 -8.92 -19.15
C GLU A 460 -38.99 -9.98 -18.57
N LEU A 461 -39.41 -9.82 -17.32
CA LEU A 461 -40.43 -10.72 -16.72
C LEU A 461 -41.67 -9.85 -16.55
N THR A 462 -42.79 -10.23 -17.15
CA THR A 462 -44.00 -9.37 -17.13
C THR A 462 -45.21 -10.17 -16.64
N GLY A 463 -46.36 -9.51 -16.56
CA GLY A 463 -47.60 -10.18 -16.12
C GLY A 463 -47.66 -10.28 -14.61
N ILE A 464 -46.84 -9.49 -13.92
CA ILE A 464 -46.81 -9.57 -12.44
C ILE A 464 -48.18 -9.13 -11.92
N PRO A 465 -48.81 -9.89 -11.01
CA PRO A 465 -50.13 -9.54 -10.48
C PRO A 465 -50.02 -8.19 -9.75
N PRO A 466 -50.96 -7.24 -9.94
CA PRO A 466 -50.85 -5.93 -9.32
C PRO A 466 -50.78 -6.09 -7.80
N ALA A 467 -49.81 -5.43 -7.17
CA ALA A 467 -49.62 -5.58 -5.71
C ALA A 467 -48.86 -4.35 -5.20
N PRO A 468 -48.83 -4.08 -3.89
CA PRO A 468 -48.04 -2.97 -3.36
C PRO A 468 -46.54 -3.26 -3.50
N ARG A 469 -45.71 -2.22 -3.52
CA ARG A 469 -44.25 -2.40 -3.64
C ARG A 469 -43.75 -3.27 -2.49
N GLY A 470 -42.82 -4.19 -2.77
CA GLY A 470 -42.22 -5.02 -1.71
C GLY A 470 -42.94 -6.35 -1.52
N VAL A 471 -44.12 -6.51 -2.12
CA VAL A 471 -44.91 -7.77 -1.93
C VAL A 471 -44.60 -8.79 -3.03
N PRO A 472 -44.60 -8.47 -4.36
CA PRO A 472 -44.24 -9.47 -5.37
C PRO A 472 -42.84 -10.06 -5.12
N GLN A 473 -42.70 -11.38 -5.27
CA GLN A 473 -41.39 -12.04 -5.05
C GLN A 473 -40.87 -12.59 -6.39
N ILE A 474 -39.69 -12.15 -6.81
CA ILE A 474 -39.08 -12.60 -8.09
C ILE A 474 -37.75 -13.29 -7.78
N GLU A 475 -37.64 -14.58 -8.08
CA GLU A 475 -36.41 -15.33 -7.74
C GLU A 475 -35.48 -15.34 -8.95
N VAL A 476 -34.29 -14.75 -8.81
CA VAL A 476 -33.28 -14.70 -9.91
C VAL A 476 -32.19 -15.74 -9.62
N THR A 477 -31.85 -16.58 -10.60
CA THR A 477 -30.81 -17.61 -10.43
C THR A 477 -29.70 -17.45 -11.47
N PHE A 478 -28.44 -17.46 -11.04
CA PHE A 478 -27.29 -17.43 -11.98
C PHE A 478 -26.65 -18.82 -11.97
N ASP A 479 -26.60 -19.49 -13.13
CA ASP A 479 -25.99 -20.84 -13.22
C ASP A 479 -24.83 -20.82 -14.22
N ILE A 480 -23.66 -21.32 -13.83
CA ILE A 480 -22.50 -21.41 -14.77
C ILE A 480 -22.16 -22.88 -15.00
N ASP A 481 -22.52 -23.44 -16.16
CA ASP A 481 -22.15 -24.84 -16.51
C ASP A 481 -20.64 -24.85 -16.69
N ALA A 482 -19.93 -25.95 -16.43
CA ALA A 482 -18.45 -25.94 -16.35
C ALA A 482 -17.79 -25.24 -17.55
N ASN A 483 -18.34 -25.37 -18.75
CA ASN A 483 -17.79 -24.61 -19.91
C ASN A 483 -17.61 -23.14 -19.55
N GLY A 484 -18.37 -22.61 -18.57
CA GLY A 484 -18.31 -21.18 -18.24
C GLY A 484 -19.50 -20.41 -18.79
N ILE A 485 -20.48 -21.13 -19.36
CA ILE A 485 -21.68 -20.47 -19.94
C ILE A 485 -22.61 -20.05 -18.80
N LEU A 486 -23.03 -18.79 -18.79
CA LEU A 486 -23.87 -18.28 -17.68
C LEU A 486 -25.33 -18.32 -18.11
N ASN A 487 -26.18 -18.95 -17.29
CA ASN A 487 -27.64 -18.94 -17.57
C ASN A 487 -28.32 -18.14 -16.46
N VAL A 488 -29.04 -17.08 -16.82
CA VAL A 488 -29.71 -16.24 -15.80
C VAL A 488 -31.22 -16.45 -15.93
N SER A 489 -31.89 -16.85 -14.85
CA SER A 489 -33.34 -17.15 -14.92
C SER A 489 -34.10 -16.37 -13.84
N ALA A 490 -35.31 -15.91 -14.15
CA ALA A 490 -36.15 -15.21 -13.15
C ALA A 490 -37.53 -15.89 -13.11
N VAL A 491 -38.06 -16.13 -11.91
CA VAL A 491 -39.37 -16.80 -11.77
C VAL A 491 -40.30 -15.94 -10.91
N ASP A 492 -41.54 -15.72 -11.36
CA ASP A 492 -42.52 -15.01 -10.50
C ASP A 492 -43.01 -16.08 -9.52
N LYS A 493 -42.72 -15.91 -8.23
CA LYS A 493 -43.06 -16.96 -7.23
C LYS A 493 -44.59 -17.13 -7.12
N SER A 494 -45.33 -16.05 -7.36
CA SER A 494 -46.82 -16.10 -7.31
C SER A 494 -47.41 -16.99 -8.41
N THR A 495 -46.85 -16.96 -9.62
CA THR A 495 -47.45 -17.71 -10.76
C THR A 495 -46.57 -18.87 -11.25
N GLY A 496 -45.27 -18.84 -10.98
CA GLY A 496 -44.35 -19.86 -11.52
C GLY A 496 -43.91 -19.52 -12.94
N LYS A 497 -44.37 -18.39 -13.47
CA LYS A 497 -43.98 -17.93 -14.82
C LYS A 497 -42.49 -17.58 -14.82
N GLU A 498 -41.78 -17.88 -15.91
CA GLU A 498 -40.31 -17.69 -15.88
C GLU A 498 -39.76 -17.14 -17.19
N ASN A 499 -38.58 -16.52 -17.13
CA ASN A 499 -37.89 -16.09 -18.36
C ASN A 499 -36.39 -16.29 -18.08
N LYS A 500 -35.58 -16.51 -19.12
CA LYS A 500 -34.14 -16.79 -18.90
C LYS A 500 -33.31 -16.26 -20.06
N ILE A 501 -32.03 -16.03 -19.82
CA ILE A 501 -31.10 -15.62 -20.91
C ILE A 501 -29.87 -16.51 -20.83
N THR A 502 -29.29 -16.89 -21.97
CA THR A 502 -28.01 -17.65 -21.96
C THR A 502 -26.92 -16.70 -22.46
N ILE A 503 -25.92 -16.42 -21.62
CA ILE A 503 -24.84 -15.46 -22.01
C ILE A 503 -23.59 -16.26 -22.37
N THR A 504 -23.14 -16.14 -23.61
CA THR A 504 -21.96 -16.91 -24.10
C THR A 504 -20.67 -16.35 -23.51
N ASN A 505 -19.74 -17.23 -23.11
CA ASN A 505 -18.41 -16.77 -22.60
C ASN A 505 -17.42 -16.83 -23.77
N ASP A 506 -17.27 -15.71 -24.50
CA ASP A 506 -16.31 -15.70 -25.64
C ASP A 506 -14.90 -15.88 -25.08
N LYS A 507 -14.07 -16.68 -25.76
CA LYS A 507 -12.68 -16.86 -25.30
C LYS A 507 -11.92 -15.55 -25.55
N GLY A 508 -11.20 -15.05 -24.54
CA GLY A 508 -10.37 -13.84 -24.74
C GLY A 508 -11.15 -12.54 -24.67
N ARG A 509 -12.41 -12.55 -24.25
CA ARG A 509 -13.16 -11.27 -24.09
C ARG A 509 -12.43 -10.39 -23.07
N LEU A 510 -12.03 -10.96 -21.93
CA LEU A 510 -11.26 -10.20 -20.91
C LEU A 510 -9.82 -10.70 -20.89
N SER A 511 -8.85 -9.80 -20.94
CA SER A 511 -7.43 -10.20 -20.80
C SER A 511 -7.08 -10.07 -19.31
N LYS A 512 -5.87 -10.45 -18.92
CA LYS A 512 -5.48 -10.27 -17.49
C LYS A 512 -5.52 -8.77 -17.17
N GLU A 513 -5.03 -7.95 -18.09
CA GLU A 513 -4.98 -6.49 -17.87
C GLU A 513 -6.38 -5.93 -17.72
N ASP A 514 -7.35 -6.47 -18.48
CA ASP A 514 -8.73 -5.93 -18.43
C ASP A 514 -9.28 -6.13 -17.01
N ILE A 515 -9.05 -7.32 -16.43
CA ILE A 515 -9.52 -7.61 -15.05
C ILE A 515 -8.78 -6.69 -14.09
N GLU A 516 -7.48 -6.51 -14.28
CA GLU A 516 -6.66 -5.68 -13.36
C GLU A 516 -7.16 -4.24 -13.38
N ARG A 517 -7.47 -3.71 -14.57
CA ARG A 517 -7.91 -2.31 -14.69
C ARG A 517 -9.22 -2.10 -13.94
N MET A 518 -10.15 -3.06 -14.07
CA MET A 518 -11.47 -2.90 -13.42
C MET A 518 -11.32 -3.03 -11.90
N VAL A 519 -10.47 -3.94 -11.43
CA VAL A 519 -10.21 -4.06 -9.96
C VAL A 519 -9.54 -2.77 -9.47
N GLN A 520 -8.59 -2.23 -10.23
CA GLN A 520 -7.87 -1.00 -9.82
C GLN A 520 -8.84 0.18 -9.79
N GLU A 521 -9.79 0.22 -10.74
CA GLU A 521 -10.79 1.31 -10.76
C GLU A 521 -11.66 1.21 -9.49
N ALA A 522 -12.04 -0.02 -9.12
CA ALA A 522 -12.88 -0.21 -7.91
C ALA A 522 -12.09 0.25 -6.68
N GLU A 523 -10.78 -0.03 -6.63
CA GLU A 523 -9.93 0.43 -5.51
C GLU A 523 -9.90 1.96 -5.49
N LYS A 524 -9.74 2.59 -6.65
CA LYS A 524 -9.63 4.07 -6.74
C LYS A 524 -10.91 4.74 -6.24
N TYR A 525 -12.07 4.16 -6.55
CA TYR A 525 -13.37 4.81 -6.22
C TYR A 525 -14.10 4.09 -5.09
N LYS A 526 -13.40 3.35 -4.23
CA LYS A 526 -14.10 2.53 -3.20
C LYS A 526 -14.95 3.40 -2.27
N ALA A 527 -14.42 4.52 -1.79
CA ALA A 527 -15.18 5.35 -0.84
C ALA A 527 -16.45 5.90 -1.50
N GLU A 528 -16.32 6.42 -2.72
CA GLU A 528 -17.47 6.99 -3.45
C GLU A 528 -18.47 5.87 -3.74
N ASP A 529 -17.96 4.69 -4.11
CA ASP A 529 -18.83 3.54 -4.46
C ASP A 529 -19.65 3.14 -3.22
N GLU A 530 -19.04 3.14 -2.04
CA GLU A 530 -19.76 2.73 -0.80
C GLU A 530 -20.92 3.68 -0.55
N LYS A 531 -20.69 4.98 -0.74
CA LYS A 531 -21.75 5.99 -0.45
C LYS A 531 -22.93 5.74 -1.38
N GLN A 532 -22.67 5.36 -2.63
CA GLN A 532 -23.75 5.09 -3.61
C GLN A 532 -24.56 3.87 -3.15
N ARG A 533 -23.90 2.88 -2.56
CA ARG A 533 -24.61 1.69 -2.05
C ARG A 533 -25.49 2.11 -0.86
N ASP A 534 -24.98 3.00 -0.01
CA ASP A 534 -25.72 3.43 1.22
C ASP A 534 -27.01 4.16 0.86
N LYS A 535 -27.02 4.91 -0.25
CA LYS A 535 -28.19 5.75 -0.60
C LYS A 535 -29.49 4.96 -0.77
N VAL A 536 -29.48 3.77 -1.37
CA VAL A 536 -30.78 3.07 -1.61
C VAL A 536 -31.25 2.29 -0.37
N SER A 537 -32.50 2.52 0.05
CA SER A 537 -33.06 1.86 1.26
C SER A 537 -33.17 0.34 1.12
N SER A 538 -33.64 -0.14 -0.03
CA SER A 538 -33.86 -1.60 -0.20
C SER A 538 -32.73 -2.18 -1.05
N LYS A 539 -32.13 -3.29 -0.62
CA LYS A 539 -31.01 -3.91 -1.37
C LYS A 539 -31.44 -4.61 -2.66
N ASN A 540 -32.60 -5.29 -2.68
CA ASN A 540 -32.98 -6.12 -3.85
C ASN A 540 -34.29 -5.68 -4.51
N SER A 541 -34.58 -4.39 -4.59
CA SER A 541 -35.79 -3.94 -5.31
C SER A 541 -35.49 -3.82 -6.81
N LEU A 542 -36.38 -4.29 -7.67
CA LEU A 542 -36.15 -4.28 -9.14
C LEU A 542 -37.11 -3.32 -9.84
N GLU A 543 -36.58 -2.54 -10.79
CA GLU A 543 -37.45 -1.63 -11.58
C GLU A 543 -37.77 -2.23 -12.94
N SER A 544 -38.65 -1.58 -13.71
CA SER A 544 -39.08 -2.06 -15.03
C SER A 544 -38.30 -1.36 -16.14
N TYR A 545 -37.26 -0.60 -15.80
CA TYR A 545 -36.53 0.20 -16.81
C TYR A 545 -35.02 0.17 -16.55
N ALA A 546 -34.25 0.61 -17.55
CA ALA A 546 -32.79 0.72 -17.37
C ALA A 546 -32.49 2.12 -16.82
N PHE A 547 -31.88 2.19 -15.64
CA PHE A 547 -31.57 3.50 -15.02
C PHE A 547 -30.60 4.27 -15.92
N ASN A 548 -29.68 3.56 -16.56
CA ASN A 548 -28.65 4.20 -17.42
C ASN A 548 -29.27 4.94 -18.61
N MET A 549 -30.39 4.44 -19.14
CA MET A 549 -31.02 5.06 -20.33
C MET A 549 -32.08 6.10 -19.96
N LYS A 550 -32.31 6.33 -18.66
CA LYS A 550 -33.32 7.33 -18.20
C LYS A 550 -32.83 8.75 -18.51
N ALA A 551 -33.72 9.60 -19.05
CA ALA A 551 -33.36 11.00 -19.33
C ALA A 551 -33.68 11.89 -18.11
N THR A 552 -33.06 11.61 -16.97
CA THR A 552 -33.28 12.43 -15.74
C THR A 552 -31.94 12.59 -15.03
N VAL A 553 -31.71 13.74 -14.39
CA VAL A 553 -30.42 14.03 -13.68
C VAL A 553 -29.25 13.41 -14.46
#